data_9IWL
#
_entry.id   9IWL
#
_cell.length_a   44.910
_cell.length_b   60.992
_cell.length_c   53.948
_cell.angle_alpha   90.00
_cell.angle_beta   110.53
_cell.angle_gamma   90.00
#
_symmetry.space_group_name_H-M   'P 1 21 1'
#
loop_
_entity.id
_entity.type
_entity.pdbx_description
1 polymer 'Peroxisome proliferator-activated receptor alpha'
2 polymer 'CREB-binding protein'
3 non-polymer 'PALMITIC ACID'
4 non-polymer GLYCEROL
5 water water
#
loop_
_entity_poly.entity_id
_entity_poly.type
_entity_poly.pdbx_seq_one_letter_code
_entity_poly.pdbx_strand_id
1 'polypeptide(L)'
;GSHMTADLKSLAKRIYEAYLKNFNMNKVKARVILSGKASNNPPFVIHDMETLCMAEKTLVAKLVANGIQNKEAEVRIFHC
CQCTSVETVTELTEFAKAIPGFANLDLNDQVTLLKYGVYEAIFAMLSSVMNKDGMLVAYGNGFITREFLKSLRKPFCDIM
EPKFDFAMKFNALELDDSDISLFVAAIICCGDRPGLLNVGHIEKMQEGIVHVLRLHLQSNHPDDIFLFPKLLQKMADLRQ
LVTEHAQLVQIIKKTESDAALHPLLQEIYRDMY
;
A
2 'polypeptide(L)' DAASKHKQLSELLRGGSGS B
#
loop_
_chem_comp.id
_chem_comp.type
_chem_comp.name
_chem_comp.formula
GOL non-polymer GLYCEROL 'C3 H8 O3'
PLM non-polymer 'PALMITIC ACID' 'C16 H32 O2'
#
# COMPACT_ATOMS: atom_id res chain seq x y z
N GLY A 1 -28.55 18.03 -34.00
CA GLY A 1 -28.36 17.42 -35.32
C GLY A 1 -26.93 16.96 -35.55
N SER A 2 -26.29 16.57 -34.45
CA SER A 2 -24.87 16.17 -34.41
C SER A 2 -24.66 15.30 -33.17
N HIS A 3 -23.42 14.90 -32.94
CA HIS A 3 -23.07 14.09 -31.78
C HIS A 3 -21.74 14.60 -31.24
N MET A 4 -21.78 15.32 -30.14
CA MET A 4 -20.57 15.76 -29.45
C MET A 4 -20.18 14.74 -28.40
N THR A 5 -18.89 14.66 -28.11
CA THR A 5 -18.41 13.60 -27.25
C THR A 5 -18.36 14.04 -25.78
N ALA A 6 -18.07 13.06 -24.91
CA ALA A 6 -18.01 13.28 -23.47
C ALA A 6 -17.09 14.44 -23.10
N ASP A 7 -15.83 14.14 -22.76
CA ASP A 7 -14.86 15.19 -22.46
C ASP A 7 -13.46 14.82 -22.95
N LEU A 8 -12.65 14.09 -22.17
CA LEU A 8 -12.91 13.55 -20.83
C LEU A 8 -12.02 14.25 -19.80
N LYS A 9 -12.18 13.97 -18.53
CA LYS A 9 -11.16 14.46 -17.60
C LYS A 9 -9.81 13.78 -17.86
N SER A 10 -8.72 14.50 -17.61
CA SER A 10 -7.39 13.93 -17.80
C SER A 10 -7.24 12.65 -17.00
N LEU A 11 -6.50 11.70 -17.54
CA LEU A 11 -6.30 10.43 -16.85
C LEU A 11 -5.66 10.63 -15.47
N ALA A 12 -4.77 11.60 -15.35
CA ALA A 12 -4.15 11.85 -14.06
C ALA A 12 -5.20 12.28 -13.05
N LYS A 13 -6.16 13.10 -13.48
CA LYS A 13 -7.21 13.56 -12.57
C LYS A 13 -8.16 12.42 -12.26
N ARG A 14 -8.46 11.58 -13.22
CA ARG A 14 -9.38 10.50 -12.90
C ARG A 14 -8.75 9.50 -11.94
N ILE A 15 -7.47 9.22 -12.08
CA ILE A 15 -6.82 8.34 -11.13
C ILE A 15 -6.77 9.00 -9.76
N TYR A 16 -6.49 10.30 -9.70
CA TYR A 16 -6.48 10.99 -8.41
C TYR A 16 -7.86 10.92 -7.75
N GLU A 17 -8.92 11.08 -8.55
CA GLU A 17 -10.27 11.00 -8.00
C GLU A 17 -10.59 9.58 -7.53
N ALA A 18 -10.17 8.57 -8.30
CA ALA A 18 -10.37 7.21 -7.85
C ALA A 18 -9.63 6.95 -6.53
N TYR A 19 -8.48 7.58 -6.35
CA TYR A 19 -7.71 7.39 -5.12
C TYR A 19 -8.39 8.06 -3.92
N LEU A 20 -8.92 9.27 -4.13
CA LEU A 20 -9.64 9.94 -3.04
C LEU A 20 -10.93 9.21 -2.68
N LYS A 21 -11.64 8.67 -3.67
CA LYS A 21 -12.85 7.89 -3.42
C LYS A 21 -12.55 6.61 -2.62
N ASN A 22 -11.39 5.98 -2.84
CA ASN A 22 -11.29 4.60 -2.39
C ASN A 22 -10.45 4.39 -1.14
N PHE A 23 -9.59 5.34 -0.77
CA PHE A 23 -8.71 5.18 0.37
C PHE A 23 -9.21 6.01 1.55
N ASN A 24 -9.40 5.35 2.68
CA ASN A 24 -9.83 6.04 3.90
C ASN A 24 -8.82 7.10 4.33
N MET A 25 -7.54 6.79 4.19
CA MET A 25 -6.48 7.68 4.63
C MET A 25 -5.74 8.21 3.43
N ASN A 26 -5.42 9.49 3.45
CA ASN A 26 -4.56 10.06 2.43
C ASN A 26 -3.63 11.04 3.10
N LYS A 27 -2.70 11.57 2.31
CA LYS A 27 -1.62 12.37 2.87
C LYS A 27 -2.14 13.70 3.42
N VAL A 28 -3.12 14.31 2.75
CA VAL A 28 -3.71 15.51 3.33
C VAL A 28 -4.32 15.19 4.70
N LYS A 29 -5.15 14.14 4.76
CA LYS A 29 -5.84 13.81 6.01
C LYS A 29 -4.83 13.50 7.11
N ALA A 30 -3.80 12.69 6.80
CA ALA A 30 -2.83 12.29 7.82
C ALA A 30 -2.02 13.47 8.33
N ARG A 31 -1.61 14.37 7.44
CA ARG A 31 -0.87 15.55 7.88
C ARG A 31 -1.72 16.48 8.74
N VAL A 32 -2.99 16.66 8.39
CA VAL A 32 -3.87 17.39 9.31
C VAL A 32 -3.75 16.81 10.73
N ILE A 33 -3.99 15.49 10.84
CA ILE A 33 -3.98 14.82 12.13
C ILE A 33 -2.61 14.94 12.80
N LEU A 34 -1.52 14.67 12.07
CA LEU A 34 -0.20 14.63 12.68
C LEU A 34 0.28 16.00 13.13
N SER A 35 -0.30 17.08 12.61
CA SER A 35 0.12 18.41 13.04
C SER A 35 -0.56 18.80 14.34
N GLY A 36 -1.89 18.67 14.41
CA GLY A 36 -2.65 19.09 15.56
C GLY A 36 -3.58 20.25 15.24
N PRO A 42 -6.84 14.51 18.43
CA PRO A 42 -5.55 14.28 19.07
C PRO A 42 -5.29 12.78 19.27
N PRO A 43 -4.53 12.16 18.36
CA PRO A 43 -4.40 10.69 18.41
C PRO A 43 -3.78 10.23 19.72
N PHE A 44 -4.29 9.11 20.23
CA PHE A 44 -3.80 8.53 21.47
C PHE A 44 -2.46 7.84 21.23
N VAL A 45 -1.43 8.23 21.97
CA VAL A 45 -0.09 7.78 21.66
C VAL A 45 0.14 6.42 22.29
N ILE A 46 0.60 5.47 21.48
CA ILE A 46 1.01 4.17 21.98
C ILE A 46 2.53 4.15 22.01
N HIS A 47 3.10 4.19 23.21
CA HIS A 47 4.55 4.19 23.36
C HIS A 47 5.07 3.15 24.36
N ASP A 48 4.20 2.44 25.09
CA ASP A 48 4.66 1.35 25.93
C ASP A 48 3.53 0.36 26.10
N MET A 49 3.78 -0.66 26.93
CA MET A 49 2.79 -1.74 27.11
C MET A 49 1.50 -1.18 27.70
N GLU A 50 1.62 -0.26 28.63
CA GLU A 50 0.42 0.26 29.28
C GLU A 50 -0.45 1.05 28.29
N THR A 51 0.15 2.00 27.56
CA THR A 51 -0.63 2.76 26.59
C THR A 51 -1.20 1.87 25.50
N LEU A 52 -0.54 0.74 25.20
CA LEU A 52 -1.08 -0.21 24.25
C LEU A 52 -2.32 -0.90 24.79
N CYS A 53 -2.29 -1.30 26.06
N CYS A 53 -2.29 -1.31 26.06
CA CYS A 53 -3.47 -1.91 26.65
CA CYS A 53 -3.47 -1.93 26.67
C CYS A 53 -4.62 -0.91 26.75
C CYS A 53 -4.61 -0.92 26.78
N MET A 54 -4.30 0.36 26.99
CA MET A 54 -5.35 1.39 27.07
C MET A 54 -5.97 1.67 25.71
N ALA A 55 -5.14 1.99 24.71
CA ALA A 55 -5.63 2.12 23.34
C ALA A 55 -6.44 0.90 22.91
N GLU A 56 -5.96 -0.30 23.20
CA GLU A 56 -6.71 -1.48 22.84
C GLU A 56 -8.09 -1.49 23.51
N LYS A 57 -8.13 -1.30 24.83
CA LYS A 57 -9.40 -1.42 25.53
C LYS A 57 -10.44 -0.50 24.93
N THR A 58 -10.10 0.76 24.73
CA THR A 58 -11.07 1.75 24.23
C THR A 58 -10.75 2.17 22.81
N LEU A 59 -10.82 1.20 21.88
CA LEU A 59 -10.54 1.44 20.46
C LEU A 59 -10.60 0.15 19.65
N VAL A 60 -10.05 -0.94 20.17
CA VAL A 60 -10.17 -2.23 19.49
C VAL A 60 -10.84 -3.23 20.44
N ALA A 61 -11.76 -2.76 21.27
CA ALA A 61 -12.56 -3.69 22.08
C ALA A 61 -11.73 -4.41 23.15
N LYS A 71 -3.85 -12.05 23.49
CA LYS A 71 -2.65 -12.86 23.73
C LYS A 71 -1.48 -11.98 24.16
N GLU A 72 -0.29 -12.45 23.82
CA GLU A 72 0.92 -11.68 24.01
C GLU A 72 0.89 -10.41 23.15
N ALA A 73 1.45 -9.33 23.70
CA ALA A 73 1.35 -8.00 23.08
C ALA A 73 1.82 -8.00 21.64
N GLU A 74 2.97 -8.64 21.36
CA GLU A 74 3.49 -8.65 19.99
C GLU A 74 2.51 -9.28 19.03
N VAL A 75 1.76 -10.29 19.51
CA VAL A 75 0.82 -11.00 18.65
C VAL A 75 -0.39 -10.14 18.34
N ARG A 76 -0.82 -9.31 19.29
CA ARG A 76 -1.93 -8.38 19.05
C ARG A 76 -1.51 -7.21 18.16
N ILE A 77 -0.26 -6.75 18.25
CA ILE A 77 0.19 -5.73 17.31
C ILE A 77 0.26 -6.29 15.90
N PHE A 78 0.72 -7.53 15.77
CA PHE A 78 0.77 -8.17 14.44
C PHE A 78 -0.64 -8.47 13.92
N HIS A 79 -1.56 -8.87 14.80
CA HIS A 79 -2.94 -9.06 14.35
C HIS A 79 -3.53 -7.74 13.86
N CYS A 80 -3.25 -6.64 14.58
CA CYS A 80 -3.65 -5.32 14.13
C CYS A 80 -2.95 -4.93 12.83
N CYS A 81 -1.70 -5.36 12.64
CA CYS A 81 -1.04 -5.09 11.37
C CYS A 81 -1.78 -5.76 10.24
N GLN A 82 -2.20 -7.01 10.43
CA GLN A 82 -2.87 -7.73 9.35
C GLN A 82 -4.22 -7.10 9.01
N CYS A 83 -5.05 -6.83 10.03
CA CYS A 83 -6.34 -6.20 9.78
C CYS A 83 -6.18 -4.96 8.92
N THR A 84 -5.21 -4.11 9.24
CA THR A 84 -4.93 -2.94 8.40
C THR A 84 -4.64 -3.34 6.96
N SER A 85 -3.80 -4.38 6.77
CA SER A 85 -3.45 -4.80 5.43
C SER A 85 -4.68 -5.29 4.66
N VAL A 86 -5.61 -5.96 5.35
CA VAL A 86 -6.78 -6.50 4.68
C VAL A 86 -7.70 -5.39 4.23
N GLU A 87 -7.93 -4.44 5.13
CA GLU A 87 -8.70 -3.27 4.73
C GLU A 87 -8.03 -2.61 3.53
N THR A 88 -6.72 -2.40 3.58
CA THR A 88 -6.09 -1.67 2.49
C THR A 88 -6.13 -2.50 1.21
N VAL A 89 -5.95 -3.84 1.33
CA VAL A 89 -6.02 -4.68 0.14
C VAL A 89 -7.36 -4.51 -0.55
N THR A 90 -8.42 -4.41 0.25
CA THR A 90 -9.76 -4.22 -0.31
C THR A 90 -9.87 -2.85 -0.94
N GLU A 91 -9.27 -1.83 -0.33
CA GLU A 91 -9.26 -0.52 -0.95
C GLU A 91 -8.49 -0.51 -2.27
N LEU A 92 -7.38 -1.23 -2.31
CA LEU A 92 -6.53 -1.26 -3.49
C LEU A 92 -7.22 -1.98 -4.64
N THR A 93 -8.00 -3.01 -4.31
CA THR A 93 -8.77 -3.74 -5.31
C THR A 93 -9.83 -2.84 -5.96
N GLU A 94 -10.54 -2.05 -5.17
CA GLU A 94 -11.49 -1.11 -5.76
C GLU A 94 -10.78 -0.02 -6.56
N PHE A 95 -9.70 0.54 -6.04
CA PHE A 95 -8.91 1.50 -6.80
C PHE A 95 -8.47 0.89 -8.13
N ALA A 96 -7.96 -0.34 -8.08
CA ALA A 96 -7.53 -0.98 -9.32
C ALA A 96 -8.66 -0.99 -10.35
N LYS A 97 -9.88 -1.32 -9.92
CA LYS A 97 -10.98 -1.40 -10.88
C LYS A 97 -11.32 -0.06 -11.51
N ALA A 98 -10.90 1.05 -10.93
CA ALA A 98 -11.15 2.33 -11.55
C ALA A 98 -10.03 2.76 -12.51
N ILE A 99 -9.01 1.95 -12.73
CA ILE A 99 -7.92 2.29 -13.63
C ILE A 99 -8.31 1.82 -15.04
N PRO A 100 -8.49 2.74 -15.98
CA PRO A 100 -9.07 2.34 -17.28
C PRO A 100 -8.24 1.25 -17.91
N GLY A 101 -8.91 0.19 -18.37
CA GLY A 101 -8.25 -0.99 -18.87
C GLY A 101 -8.12 -2.12 -17.85
N PHE A 102 -8.08 -1.82 -16.55
CA PHE A 102 -7.82 -2.87 -15.57
C PHE A 102 -8.90 -3.95 -15.59
N ALA A 103 -10.17 -3.56 -15.44
CA ALA A 103 -11.24 -4.53 -15.35
C ALA A 103 -11.54 -5.23 -16.69
N ASN A 104 -10.99 -4.75 -17.81
CA ASN A 104 -11.06 -5.50 -19.05
C ASN A 104 -9.96 -6.55 -19.16
N LEU A 105 -9.11 -6.69 -18.16
CA LEU A 105 -8.11 -7.74 -18.21
C LEU A 105 -8.74 -9.07 -17.78
N ASP A 106 -8.13 -10.15 -18.23
CA ASP A 106 -8.45 -11.49 -17.73
C ASP A 106 -8.54 -11.46 -16.21
N LEU A 107 -9.49 -12.21 -15.65
CA LEU A 107 -9.59 -12.26 -14.19
C LEU A 107 -8.28 -12.75 -13.58
N ASN A 108 -7.63 -13.72 -14.20
CA ASN A 108 -6.39 -14.25 -13.67
C ASN A 108 -5.31 -13.17 -13.59
N ASP A 109 -5.27 -12.29 -14.58
CA ASP A 109 -4.25 -11.27 -14.65
C ASP A 109 -4.52 -10.16 -13.65
N GLN A 110 -5.79 -9.85 -13.41
CA GLN A 110 -6.12 -8.90 -12.36
C GLN A 110 -5.65 -9.43 -11.01
N VAL A 111 -5.96 -10.69 -10.73
CA VAL A 111 -5.53 -11.34 -9.50
C VAL A 111 -4.02 -11.26 -9.36
N THR A 112 -3.30 -11.54 -10.45
CA THR A 112 -1.84 -11.58 -10.40
C THR A 112 -1.26 -10.19 -10.18
N LEU A 113 -1.82 -9.19 -10.86
CA LEU A 113 -1.31 -7.84 -10.68
C LEU A 113 -1.51 -7.40 -9.24
N LEU A 114 -2.67 -7.68 -8.65
CA LEU A 114 -2.90 -7.27 -7.27
C LEU A 114 -2.02 -8.05 -6.32
N LYS A 115 -1.83 -9.35 -6.59
CA LYS A 115 -1.07 -10.22 -5.69
C LYS A 115 0.33 -9.67 -5.48
N TYR A 116 0.99 -9.31 -6.58
CA TYR A 116 2.33 -8.76 -6.51
C TYR A 116 2.34 -7.28 -6.18
N GLY A 117 1.26 -6.56 -6.47
CA GLY A 117 1.34 -5.14 -6.26
C GLY A 117 0.83 -4.58 -4.93
N VAL A 118 -0.04 -5.29 -4.21
CA VAL A 118 -0.72 -4.65 -3.08
C VAL A 118 0.28 -4.24 -2.00
N TYR A 119 1.26 -5.09 -1.71
CA TYR A 119 2.14 -4.69 -0.61
C TYR A 119 3.10 -3.59 -1.02
N GLU A 120 3.53 -3.57 -2.29
CA GLU A 120 4.31 -2.43 -2.75
C GLU A 120 3.51 -1.15 -2.58
N ALA A 121 2.22 -1.18 -2.95
CA ALA A 121 1.37 -0.02 -2.78
C ALA A 121 1.14 0.31 -1.31
N ILE A 122 0.99 -0.73 -0.47
CA ILE A 122 0.71 -0.51 0.96
C ILE A 122 1.89 0.18 1.64
N PHE A 123 3.11 -0.27 1.36
CA PHE A 123 4.25 0.36 2.03
C PHE A 123 4.55 1.73 1.44
N ALA A 124 4.24 1.95 0.15
CA ALA A 124 4.30 3.30 -0.43
C ALA A 124 3.35 4.26 0.27
N MET A 125 2.07 3.90 0.39
CA MET A 125 1.09 4.77 1.04
C MET A 125 1.29 4.85 2.56
N LEU A 126 1.79 3.77 3.17
CA LEU A 126 2.13 3.84 4.58
C LEU A 126 3.02 5.05 4.91
N SER A 127 3.88 5.45 3.98
CA SER A 127 4.73 6.62 4.22
C SER A 127 3.92 7.86 4.59
N SER A 128 2.69 7.95 4.08
CA SER A 128 1.91 9.15 4.33
C SER A 128 1.50 9.26 5.78
N VAL A 129 1.41 8.15 6.50
CA VAL A 129 0.96 8.21 7.89
C VAL A 129 2.14 8.07 8.87
N MET A 130 3.38 8.12 8.39
CA MET A 130 4.58 7.99 9.20
C MET A 130 5.38 9.30 9.26
N ASN A 131 5.86 9.65 10.44
CA ASN A 131 6.97 10.60 10.56
C ASN A 131 8.14 9.89 11.25
N LYS A 132 9.18 10.65 11.58
CA LYS A 132 10.38 10.05 12.19
C LYS A 132 10.11 9.44 13.56
N ASP A 133 9.03 9.82 14.24
CA ASP A 133 8.79 9.30 15.58
C ASP A 133 7.78 8.15 15.65
N GLY A 134 6.98 7.91 14.60
CA GLY A 134 5.88 6.98 14.72
C GLY A 134 4.97 7.06 13.50
N MET A 135 3.83 6.34 13.59
CA MET A 135 2.85 6.22 12.52
C MET A 135 1.44 6.27 13.07
N LEU A 136 0.54 6.84 12.29
CA LEU A 136 -0.88 6.80 12.60
C LEU A 136 -1.39 5.37 12.43
N VAL A 137 -2.29 4.96 13.31
CA VAL A 137 -2.94 3.65 13.25
C VAL A 137 -4.41 3.83 13.57
N ALA A 138 -5.20 2.77 13.32
CA ALA A 138 -6.59 2.73 13.76
C ALA A 138 -7.38 3.91 13.18
N TYR A 139 -7.31 4.06 11.85
CA TYR A 139 -8.13 5.03 11.14
C TYR A 139 -7.86 6.45 11.64
N GLY A 140 -6.59 6.72 11.92
CA GLY A 140 -6.16 8.00 12.38
C GLY A 140 -6.33 8.25 13.87
N ASN A 141 -6.78 7.27 14.65
CA ASN A 141 -7.10 7.55 16.05
C ASN A 141 -5.99 7.20 17.03
N GLY A 142 -4.93 6.55 16.55
CA GLY A 142 -3.81 6.22 17.40
C GLY A 142 -2.54 6.59 16.67
N PHE A 143 -1.49 6.79 17.46
CA PHE A 143 -0.15 7.05 16.97
C PHE A 143 0.76 6.11 17.74
N ILE A 144 1.39 5.16 17.04
CA ILE A 144 2.28 4.22 17.71
C ILE A 144 3.70 4.66 17.40
N THR A 145 4.53 4.76 18.44
CA THR A 145 5.87 5.31 18.27
C THR A 145 6.78 4.28 17.64
N ARG A 146 7.72 4.79 16.86
CA ARG A 146 8.73 3.97 16.22
C ARG A 146 9.56 3.22 17.28
N GLU A 147 9.91 3.92 18.37
CA GLU A 147 10.74 3.22 19.36
C GLU A 147 9.99 2.07 20.00
N PHE A 148 8.73 2.28 20.37
CA PHE A 148 7.97 1.16 20.91
C PHE A 148 8.03 -0.03 19.98
N LEU A 149 7.83 0.21 18.68
CA LEU A 149 7.89 -0.88 17.71
C LEU A 149 9.26 -1.55 17.72
N LYS A 150 10.32 -0.75 17.87
CA LYS A 150 11.65 -1.33 17.93
C LYS A 150 11.87 -2.14 19.19
N SER A 151 11.09 -1.91 20.26
CA SER A 151 11.31 -2.52 21.56
C SER A 151 10.69 -3.91 21.68
N LEU A 152 9.81 -4.28 20.76
CA LEU A 152 9.18 -5.59 20.81
C LEU A 152 10.24 -6.68 20.69
N ARG A 153 9.89 -7.88 21.15
CA ARG A 153 10.84 -8.97 21.07
C ARG A 153 10.91 -9.49 19.65
N LYS A 154 12.04 -10.10 19.33
CA LYS A 154 12.18 -10.77 18.05
C LYS A 154 11.14 -11.87 17.90
N PRO A 155 10.66 -12.12 16.68
CA PRO A 155 11.07 -11.41 15.47
C PRO A 155 10.29 -10.10 15.18
N PHE A 156 9.45 -9.67 16.12
CA PHE A 156 8.53 -8.57 15.85
C PHE A 156 9.19 -7.20 15.87
N CYS A 157 10.42 -7.07 16.35
CA CYS A 157 11.02 -5.76 16.54
C CYS A 157 11.53 -5.16 15.24
N ASP A 158 11.52 -5.92 14.15
N ASP A 158 11.55 -5.91 14.14
CA ASP A 158 12.11 -5.50 12.89
CA ASP A 158 12.05 -5.30 12.92
C ASP A 158 11.11 -5.52 11.75
C ASP A 158 11.10 -5.52 11.75
N ILE A 159 9.83 -5.78 12.02
CA ILE A 159 8.83 -5.68 10.97
C ILE A 159 8.80 -4.26 10.42
N MET A 160 8.64 -3.27 11.31
CA MET A 160 8.27 -1.93 10.86
C MET A 160 9.46 -1.05 10.51
N GLU A 161 10.57 -1.21 11.20
CA GLU A 161 11.68 -0.28 11.01
C GLU A 161 12.12 -0.15 9.55
N PRO A 162 12.22 -1.21 8.75
CA PRO A 162 12.56 -1.01 7.34
C PRO A 162 11.52 -0.19 6.59
N LYS A 163 10.25 -0.21 7.01
CA LYS A 163 9.21 0.59 6.37
C LYS A 163 9.38 2.05 6.74
N PHE A 164 9.79 2.33 7.98
CA PHE A 164 10.11 3.70 8.38
C PHE A 164 11.29 4.24 7.59
N ASP A 165 12.33 3.43 7.40
CA ASP A 165 13.50 3.89 6.65
C ASP A 165 13.12 4.24 5.22
N PHE A 166 12.30 3.40 4.58
CA PHE A 166 11.82 3.73 3.24
C PHE A 166 10.98 5.01 3.27
N ALA A 167 10.12 5.16 4.28
CA ALA A 167 9.19 6.30 4.31
C ALA A 167 9.90 7.63 4.53
N MET A 168 10.90 7.67 5.42
CA MET A 168 11.63 8.91 5.63
C MET A 168 12.18 9.45 4.30
N LYS A 169 12.78 8.57 3.50
CA LYS A 169 13.30 9.01 2.19
C LYS A 169 12.20 9.22 1.17
N PHE A 170 11.12 8.43 1.22
CA PHE A 170 10.02 8.67 0.28
C PHE A 170 9.35 10.01 0.57
N ASN A 171 9.13 10.32 1.86
CA ASN A 171 8.47 11.55 2.26
C ASN A 171 9.32 12.77 1.93
N ALA A 172 10.64 12.62 1.94
CA ALA A 172 11.52 13.70 1.53
C ALA A 172 11.29 14.10 0.08
N LEU A 173 10.69 13.24 -0.75
CA LEU A 173 10.39 13.66 -2.13
C LEU A 173 9.25 14.68 -2.18
N GLU A 174 8.46 14.82 -1.12
CA GLU A 174 7.38 15.82 -1.04
C GLU A 174 6.30 15.57 -2.08
N LEU A 175 5.97 14.31 -2.32
CA LEU A 175 4.83 13.97 -3.16
C LEU A 175 3.55 14.39 -2.47
N ASP A 176 2.53 14.68 -3.26
CA ASP A 176 1.18 14.92 -2.80
C ASP A 176 0.30 13.79 -3.30
N ASP A 177 -0.97 13.82 -2.91
CA ASP A 177 -1.86 12.71 -3.23
C ASP A 177 -2.03 12.57 -4.74
N SER A 178 -1.93 13.67 -5.49
CA SER A 178 -2.05 13.53 -6.95
C SER A 178 -0.87 12.72 -7.51
N ASP A 179 0.33 12.88 -6.92
CA ASP A 179 1.49 12.09 -7.36
C ASP A 179 1.38 10.63 -6.94
N ILE A 180 0.98 10.41 -5.69
CA ILE A 180 0.98 9.06 -5.12
C ILE A 180 -0.05 8.19 -5.82
N SER A 181 -1.20 8.76 -6.18
CA SER A 181 -2.23 7.98 -6.88
C SER A 181 -1.68 7.40 -8.18
N LEU A 182 -0.94 8.19 -8.95
CA LEU A 182 -0.35 7.67 -10.19
C LEU A 182 0.77 6.66 -9.93
N PHE A 183 1.63 6.95 -8.95
CA PHE A 183 2.67 6.01 -8.54
C PHE A 183 2.06 4.67 -8.16
N VAL A 184 1.02 4.71 -7.33
CA VAL A 184 0.31 3.49 -6.96
C VAL A 184 -0.30 2.83 -8.20
N ALA A 185 -0.90 3.62 -9.09
CA ALA A 185 -1.45 3.04 -10.31
C ALA A 185 -0.35 2.36 -11.13
N ALA A 186 0.82 3.00 -11.27
CA ALA A 186 1.91 2.35 -12.01
C ALA A 186 2.37 1.05 -11.34
N ILE A 187 2.36 1.01 -10.00
CA ILE A 187 2.71 -0.21 -9.28
C ILE A 187 1.73 -1.32 -9.62
N ILE A 188 0.44 -1.00 -9.63
CA ILE A 188 -0.53 -2.05 -9.89
C ILE A 188 -0.45 -2.54 -11.32
N CYS A 189 -0.33 -1.62 -12.28
CA CYS A 189 -0.46 -1.93 -13.70
C CYS A 189 0.92 -2.25 -14.28
N CYS A 190 1.44 -3.42 -13.92
CA CYS A 190 2.86 -3.72 -14.05
C CYS A 190 3.05 -5.01 -14.84
N GLY A 191 3.60 -4.89 -16.04
CA GLY A 191 3.88 -6.06 -16.86
C GLY A 191 5.02 -6.91 -16.40
N ASP A 192 5.73 -6.48 -15.36
CA ASP A 192 6.85 -7.24 -14.80
C ASP A 192 6.41 -8.48 -14.04
N ARG A 193 5.14 -8.61 -13.69
CA ARG A 193 4.81 -9.58 -12.66
C ARG A 193 4.89 -10.98 -13.25
N PRO A 194 5.36 -11.96 -12.47
CA PRO A 194 5.40 -13.35 -12.94
C PRO A 194 4.02 -13.91 -13.20
N GLY A 195 3.92 -14.74 -14.23
CA GLY A 195 2.72 -15.49 -14.49
C GLY A 195 1.61 -14.75 -15.21
N LEU A 196 1.87 -13.55 -15.72
CA LEU A 196 0.87 -12.86 -16.54
C LEU A 196 0.74 -13.56 -17.87
N LEU A 197 -0.49 -13.70 -18.37
CA LEU A 197 -0.58 -14.21 -19.74
C LEU A 197 -0.63 -13.08 -20.77
N ASN A 198 -1.61 -12.18 -20.67
CA ASN A 198 -1.73 -11.07 -21.63
C ASN A 198 -0.73 -9.95 -21.31
N VAL A 199 0.55 -10.34 -21.32
CA VAL A 199 1.62 -9.42 -20.94
C VAL A 199 1.68 -8.23 -21.89
N GLY A 200 1.31 -8.45 -23.16
CA GLY A 200 1.34 -7.34 -24.10
C GLY A 200 0.36 -6.25 -23.74
N HIS A 201 -0.91 -6.61 -23.47
CA HIS A 201 -1.91 -5.61 -23.10
C HIS A 201 -1.51 -4.88 -21.84
N ILE A 202 -0.98 -5.59 -20.86
CA ILE A 202 -0.63 -4.97 -19.60
C ILE A 202 0.57 -4.03 -19.78
N GLU A 203 1.54 -4.41 -20.60
CA GLU A 203 2.65 -3.49 -20.88
C GLU A 203 2.17 -2.19 -21.50
N LYS A 204 1.14 -2.24 -22.34
CA LYS A 204 0.62 -1.03 -22.96
C LYS A 204 -0.11 -0.17 -21.94
N MET A 205 -0.90 -0.83 -21.08
CA MET A 205 -1.55 -0.12 -19.98
C MET A 205 -0.53 0.55 -19.08
N GLN A 206 0.54 -0.18 -18.70
CA GLN A 206 1.57 0.36 -17.82
C GLN A 206 2.28 1.56 -18.44
N GLU A 207 2.63 1.43 -19.72
CA GLU A 207 3.28 2.52 -20.44
C GLU A 207 2.40 3.78 -20.42
N GLY A 208 1.11 3.63 -20.68
CA GLY A 208 0.20 4.77 -20.58
C GLY A 208 0.15 5.40 -19.20
N ILE A 209 0.09 4.58 -18.15
CA ILE A 209 0.09 5.10 -16.78
C ILE A 209 1.40 5.83 -16.50
N VAL A 210 2.52 5.18 -16.84
CA VAL A 210 3.83 5.74 -16.55
C VAL A 210 4.07 7.00 -17.37
N HIS A 211 3.55 7.06 -18.60
CA HIS A 211 3.64 8.30 -19.37
C HIS A 211 2.90 9.43 -18.67
N VAL A 212 1.71 9.17 -18.13
CA VAL A 212 0.95 10.22 -17.44
C VAL A 212 1.65 10.60 -16.14
N LEU A 213 2.21 9.61 -15.43
CA LEU A 213 3.01 9.91 -14.24
C LEU A 213 4.18 10.81 -14.58
N ARG A 214 4.96 10.45 -15.61
CA ARG A 214 6.11 11.28 -16.02
C ARG A 214 5.67 12.71 -16.31
N LEU A 215 4.63 12.89 -17.13
CA LEU A 215 4.13 14.23 -17.42
C LEU A 215 3.60 14.93 -16.16
N HIS A 216 2.88 14.21 -15.31
CA HIS A 216 2.36 14.83 -14.10
C HIS A 216 3.50 15.35 -13.22
N LEU A 217 4.55 14.55 -13.03
CA LEU A 217 5.67 15.00 -12.18
C LEU A 217 6.35 16.23 -12.76
N GLN A 218 6.45 16.31 -14.09
CA GLN A 218 7.00 17.52 -14.71
C GLN A 218 6.15 18.76 -14.42
N SER A 219 4.83 18.64 -14.54
N SER A 219 4.83 18.64 -14.54
CA SER A 219 3.96 19.77 -14.22
CA SER A 219 3.96 19.77 -14.22
C SER A 219 3.97 20.07 -12.73
C SER A 219 3.97 20.07 -12.73
N ASN A 220 3.86 19.03 -11.89
CA ASN A 220 3.62 19.24 -10.46
C ASN A 220 4.89 19.47 -9.66
N HIS A 221 6.05 19.07 -10.18
CA HIS A 221 7.33 19.18 -9.47
C HIS A 221 8.41 19.67 -10.43
N PRO A 222 8.23 20.87 -10.99
CA PRO A 222 9.21 21.35 -11.98
C PRO A 222 10.56 21.71 -11.37
N ASP A 223 10.62 21.86 -10.06
CA ASP A 223 11.88 22.09 -9.38
C ASP A 223 12.78 20.85 -9.29
N ASP A 224 12.29 19.65 -9.62
CA ASP A 224 13.01 18.39 -9.33
C ASP A 224 12.96 17.57 -10.60
N ILE A 225 13.99 17.74 -11.42
CA ILE A 225 13.91 17.21 -12.78
C ILE A 225 14.24 15.74 -12.81
N PHE A 226 14.80 15.22 -11.73
CA PHE A 226 15.05 13.79 -11.62
C PHE A 226 13.99 13.06 -10.81
N LEU A 227 12.84 13.69 -10.57
CA LEU A 227 11.85 13.06 -9.71
C LEU A 227 11.32 11.76 -10.34
N PHE A 228 11.15 11.75 -11.65
CA PHE A 228 10.68 10.51 -12.29
C PHE A 228 11.69 9.38 -12.14
N PRO A 229 12.99 9.51 -12.48
CA PRO A 229 13.93 8.40 -12.20
C PRO A 229 14.04 8.07 -10.71
N LYS A 230 13.86 9.06 -9.84
CA LYS A 230 13.83 8.78 -8.41
C LYS A 230 12.68 7.86 -8.07
N LEU A 231 11.53 8.05 -8.72
CA LEU A 231 10.40 7.21 -8.35
C LEU A 231 10.50 5.81 -8.94
N LEU A 232 11.10 5.67 -10.12
CA LEU A 232 11.41 4.36 -10.69
C LEU A 232 12.27 3.55 -9.73
N GLN A 233 13.31 4.18 -9.19
CA GLN A 233 14.12 3.52 -8.17
C GLN A 233 13.28 3.13 -6.96
N LYS A 234 12.39 4.02 -6.50
CA LYS A 234 11.58 3.65 -5.35
C LYS A 234 10.71 2.42 -5.63
N MET A 235 10.25 2.25 -6.88
CA MET A 235 9.47 1.05 -7.22
C MET A 235 10.34 -0.18 -7.10
N ALA A 236 11.61 -0.08 -7.52
CA ALA A 236 12.49 -1.22 -7.32
C ALA A 236 12.80 -1.40 -5.84
N ASP A 237 12.97 -0.30 -5.09
CA ASP A 237 13.17 -0.46 -3.63
C ASP A 237 11.97 -1.15 -2.99
N LEU A 238 10.76 -0.80 -3.43
CA LEU A 238 9.55 -1.39 -2.85
C LEU A 238 9.46 -2.88 -3.13
N ARG A 239 9.83 -3.30 -4.33
CA ARG A 239 9.79 -4.72 -4.66
C ARG A 239 10.70 -5.51 -3.76
N GLN A 240 11.87 -4.95 -3.45
CA GLN A 240 12.81 -5.60 -2.54
C GLN A 240 12.29 -5.59 -1.11
N LEU A 241 11.74 -4.45 -0.68
CA LEU A 241 11.17 -4.34 0.66
C LEU A 241 10.10 -5.39 0.88
N VAL A 242 9.26 -5.66 -0.11
CA VAL A 242 8.17 -6.63 -0.01
C VAL A 242 8.73 -8.05 -0.01
N THR A 243 9.75 -8.31 -0.82
CA THR A 243 10.38 -9.62 -0.78
C THR A 243 10.86 -9.94 0.63
N GLU A 244 11.58 -9.01 1.24
CA GLU A 244 12.06 -9.21 2.60
C GLU A 244 10.92 -9.24 3.60
N HIS A 245 9.84 -8.49 3.37
CA HIS A 245 8.74 -8.52 4.32
C HIS A 245 8.14 -9.92 4.38
N ALA A 246 7.87 -10.48 3.20
CA ALA A 246 7.23 -11.77 3.06
C ALA A 246 8.11 -12.86 3.65
N GLN A 247 9.43 -12.73 3.52
CA GLN A 247 10.32 -13.64 4.23
C GLN A 247 10.13 -13.53 5.73
N LEU A 248 10.09 -12.30 6.24
CA LEU A 248 9.90 -12.09 7.66
C LEU A 248 8.57 -12.64 8.12
N VAL A 249 7.52 -12.45 7.31
CA VAL A 249 6.18 -12.93 7.64
C VAL A 249 6.15 -14.46 7.67
N GLN A 250 6.89 -15.11 6.77
CA GLN A 250 6.96 -16.57 6.78
C GLN A 250 7.59 -17.07 8.08
N ILE A 251 8.68 -16.45 8.51
CA ILE A 251 9.32 -16.81 9.78
C ILE A 251 8.32 -16.71 10.92
N ILE A 252 7.57 -15.60 10.98
CA ILE A 252 6.60 -15.41 12.06
C ILE A 252 5.54 -16.51 12.04
N LYS A 253 4.92 -16.73 10.88
CA LYS A 253 3.90 -17.77 10.76
C LYS A 253 4.47 -19.13 11.20
N LYS A 254 5.65 -19.46 10.69
CA LYS A 254 6.26 -20.76 10.96
C LYS A 254 6.47 -20.97 12.46
N THR A 255 6.90 -19.93 13.16
CA THR A 255 7.51 -20.09 14.46
C THR A 255 6.72 -19.44 15.59
N GLU A 256 5.59 -18.79 15.30
CA GLU A 256 4.73 -18.21 16.33
C GLU A 256 3.33 -18.78 16.14
N SER A 257 2.90 -19.65 17.06
CA SER A 257 1.63 -20.34 16.88
C SER A 257 0.45 -19.41 17.04
N ASP A 258 0.60 -18.34 17.82
CA ASP A 258 -0.47 -17.38 17.95
C ASP A 258 -0.59 -16.45 16.75
N ALA A 259 0.44 -16.39 15.90
CA ALA A 259 0.49 -15.39 14.82
C ALA A 259 -0.27 -15.83 13.59
N ALA A 260 -1.42 -16.45 13.77
CA ALA A 260 -2.26 -16.85 12.65
C ALA A 260 -2.38 -15.72 11.62
N LEU A 261 -2.52 -16.11 10.36
CA LEU A 261 -2.55 -15.20 9.24
C LEU A 261 -3.95 -15.16 8.64
N HIS A 262 -4.43 -13.97 8.31
CA HIS A 262 -5.75 -13.85 7.70
C HIS A 262 -5.77 -14.52 6.33
N PRO A 263 -6.86 -15.20 5.97
CA PRO A 263 -6.84 -16.01 4.74
C PRO A 263 -6.54 -15.22 3.49
N LEU A 264 -7.02 -13.98 3.40
CA LEU A 264 -6.75 -13.20 2.18
C LEU A 264 -5.26 -12.95 2.03
N LEU A 265 -4.59 -12.65 3.15
CA LEU A 265 -3.16 -12.37 3.13
C LEU A 265 -2.35 -13.62 2.83
N GLN A 266 -2.72 -14.77 3.42
CA GLN A 266 -2.07 -16.03 3.07
C GLN A 266 -2.11 -16.28 1.56
N GLU A 267 -3.29 -16.14 0.96
CA GLU A 267 -3.42 -16.24 -0.50
C GLU A 267 -2.35 -15.40 -1.21
N ILE A 268 -2.20 -14.16 -0.77
CA ILE A 268 -1.31 -13.21 -1.46
C ILE A 268 0.14 -13.63 -1.30
N TYR A 269 0.57 -13.92 -0.08
CA TYR A 269 1.93 -14.36 0.16
C TYR A 269 2.22 -15.72 -0.45
N ARG A 270 1.21 -16.59 -0.52
CA ARG A 270 1.37 -17.97 -0.97
C ARG A 270 2.01 -18.04 -2.36
N ASP A 271 3.25 -18.51 -2.44
CA ASP A 271 3.95 -18.64 -3.71
C ASP A 271 4.26 -17.29 -4.32
N MET A 272 4.46 -16.27 -3.49
CA MET A 272 4.76 -14.94 -4.02
C MET A 272 6.24 -14.85 -4.36
N TYR A 273 7.09 -14.78 -3.34
CA TYR A 273 8.53 -14.76 -3.52
C TYR A 273 9.16 -15.86 -2.67
N ASP B 1 -3.73 -21.65 -12.23
CA ASP B 1 -4.77 -20.65 -12.45
C ASP B 1 -4.85 -19.71 -11.27
N ALA B 2 -4.33 -18.49 -11.49
CA ALA B 2 -4.29 -17.50 -10.42
C ALA B 2 -5.65 -17.39 -9.72
N ALA B 3 -6.72 -17.33 -10.49
CA ALA B 3 -8.03 -17.05 -9.91
C ALA B 3 -8.40 -18.09 -8.87
N SER B 4 -8.11 -19.37 -9.14
CA SER B 4 -8.48 -20.43 -8.22
C SER B 4 -7.50 -20.52 -7.05
N LYS B 5 -6.23 -20.13 -7.25
CA LYS B 5 -5.29 -20.07 -6.13
C LYS B 5 -5.53 -18.87 -5.23
N HIS B 6 -6.47 -17.97 -5.59
CA HIS B 6 -6.70 -16.71 -4.87
C HIS B 6 -8.22 -16.47 -4.87
N LYS B 7 -8.90 -17.19 -3.99
CA LYS B 7 -10.35 -17.23 -4.01
C LYS B 7 -10.98 -16.01 -3.34
N GLN B 8 -10.34 -15.48 -2.28
CA GLN B 8 -10.83 -14.28 -1.61
C GLN B 8 -10.49 -13.02 -2.40
N LEU B 9 -9.25 -12.91 -2.87
CA LEU B 9 -8.89 -11.87 -3.82
C LEU B 9 -9.77 -11.94 -5.07
N SER B 10 -9.95 -13.17 -5.58
CA SER B 10 -10.86 -13.40 -6.70
C SER B 10 -12.24 -12.81 -6.42
N GLU B 11 -12.76 -13.09 -5.23
CA GLU B 11 -14.10 -12.61 -4.87
C GLU B 11 -14.15 -11.09 -4.84
N LEU B 12 -13.11 -10.46 -4.29
CA LEU B 12 -13.04 -9.01 -4.29
C LEU B 12 -13.07 -8.41 -5.70
N LEU B 13 -12.63 -9.16 -6.71
CA LEU B 13 -12.50 -8.56 -8.04
C LEU B 13 -13.71 -8.77 -8.94
N ARG B 14 -14.67 -9.61 -8.55
CA ARG B 14 -15.78 -9.99 -9.42
C ARG B 14 -16.57 -8.77 -9.92
C1 PLM C . 1.10 -7.78 7.03
O1 PLM C . 0.04 -7.50 6.41
O2 PLM C . 1.83 -8.69 6.55
C2 PLM C . 1.44 -7.04 8.36
C3 PLM C . 2.24 -5.70 8.17
C4 PLM C . 1.35 -4.55 7.71
C5 PLM C . 1.84 -3.12 8.14
C6 PLM C . 1.09 -2.63 9.39
C7 PLM C . 0.63 -1.18 9.31
C8 PLM C . -0.07 -0.63 10.57
C9 PLM C . 0.00 -1.56 11.80
CA PLM C . -0.39 -0.85 13.11
CB PLM C . -0.68 -1.90 14.21
CC PLM C . -0.74 -1.26 15.61
CD PLM C . -2.05 -1.62 16.31
CE PLM C . -2.35 -0.65 17.46
CF PLM C . -3.31 -1.28 18.50
CG PLM C . -4.48 -0.33 18.77
H21 PLM C . 0.62 -6.84 8.82
H22 PLM C . 1.98 -7.64 8.90
H31 PLM C . 2.65 -5.47 9.02
H32 PLM C . 2.94 -5.85 7.51
H41 PLM C . 1.29 -4.56 6.74
H42 PLM C . 0.46 -4.68 8.07
H51 PLM C . 2.78 -3.16 8.32
H52 PLM C . 1.67 -2.50 7.42
H61 PLM C . 1.68 -2.72 10.16
H62 PLM C . 0.32 -3.19 9.54
H71 PLM C . 0.00 -1.11 8.57
H72 PLM C . 1.40 -0.63 9.11
H81 PLM C . 0.35 0.22 10.80
H82 PLM C . -1.01 -0.47 10.37
H91 PLM C . -0.60 -2.31 11.67
H92 PLM C . 0.91 -1.90 11.90
HA1 PLM C . 0.35 -0.28 13.40
HA2 PLM C . -1.18 -0.32 12.97
HB1 PLM C . 0.02 -2.57 14.20
HB2 PLM C . -1.54 -2.32 14.03
HC1 PLM C . -0.68 -0.29 15.52
HC2 PLM C . 0.01 -1.58 16.14
HD1 PLM C . -1.98 -2.53 16.67
HD2 PLM C . -2.78 -1.59 15.67
HE1 PLM C . -2.77 0.15 17.09
HE2 PLM C . -1.53 -0.41 17.90
HF1 PLM C . -3.65 -2.12 18.16
HF2 PLM C . -2.82 -1.43 19.32
HG1 PLM C . -4.13 0.52 19.09
HG2 PLM C . -4.98 -0.18 17.96
HG3 PLM C . -5.05 -0.72 19.45
C1 GOL D . 3.73 12.80 7.42
O1 GOL D . 4.97 12.55 8.02
C2 GOL D . 3.76 12.39 5.95
O2 GOL D . 2.55 12.77 5.37
C3 GOL D . 4.92 13.03 5.15
O3 GOL D . 4.91 14.43 5.15
H11 GOL D . 3.05 12.29 7.88
H12 GOL D . 3.52 13.75 7.49
HO1 GOL D . 4.92 12.70 8.85
H2 GOL D . 3.83 11.43 5.90
HO2 GOL D . 2.32 13.53 5.65
H31 GOL D . 5.76 12.72 5.54
H32 GOL D . 4.87 12.71 4.24
HO3 GOL D . 4.28 14.69 5.67
#